data_8YT9
#
_entry.id   8YT9
#
_cell.length_a   44.998
_cell.length_b   62.455
_cell.length_c   53.473
_cell.angle_alpha   90.000
_cell.angle_beta   106.190
_cell.angle_gamma   90.000
#
_symmetry.space_group_name_H-M   'P 1 21 1'
#
loop_
_entity.id
_entity.type
_entity.pdbx_description
1 polymer 'Peroxisome proliferator-activated receptor alpha'
2 polymer 'Peroxisome proliferator-activated receptor gamma coactivator 1-alpha'
3 non-polymer '1-(4-fluorophenyl)-6-[2-(5-methyl-2-phenyl-1,3-oxazol-4-yl)ethoxy]-3-pentan-3-yl-pyrazolo[3,4-b]pyridine-4-carboxylic acid'
4 water water
#
loop_
_entity_poly.entity_id
_entity_poly.type
_entity_poly.pdbx_seq_one_letter_code
_entity_poly.pdbx_strand_id
1 'polypeptide(L)'
;GGQTADLKSLAKRIYEAYLKNFNMNKVKARVILSGKASNNPPFVIHDMETLCMAEKTLVAKLVANGIQNKEAEVRIFHCC
QCTSVETVTELTEFAKAIPGFANLDLNDQVTLLKYGVYEAIFAMLSSVMNKDGMLVAYGNGFITREFLKSLRKPFCDIME
PKFDFAMKFNALELDDSDISLFVAAIICCGDRPGLLNVGHIEKMQEGIVHVLRLHLQSNHPDDIFLFPKLLQKMADLRQL
VTEHAQLVQIIKKTESDAALHPLLQEIYRDMY
;
A
2 'polypeptide(L)' PQEAEEPSLLKKLLLAPANTQL B
#
loop_
_chem_comp.id
_chem_comp.type
_chem_comp.name
_chem_comp.formula
A1LZY non-polymer '1-(4-fluorophenyl)-6-[2-(5-methyl-2-phenyl-1,3-oxazol-4-yl)ethoxy]-3-pentan-3-yl-pyrazolo[3,4-b]pyridine-4-carboxylic acid' 'C30 H29 F N4 O4'
#
# COMPACT_ATOMS: atom_id res chain seq x y z
N ASP A 6 23.64 -10.60 -10.85
CA ASP A 6 23.01 -9.97 -12.02
C ASP A 6 21.96 -8.93 -11.58
N LEU A 7 22.38 -7.67 -11.56
CA LEU A 7 21.52 -6.62 -11.02
C LEU A 7 20.38 -6.30 -11.97
N LYS A 8 20.63 -6.36 -13.28
CA LYS A 8 19.58 -6.13 -14.26
C LYS A 8 18.55 -7.25 -14.24
N SER A 9 19.01 -8.49 -14.01
CA SER A 9 18.08 -9.59 -13.85
C SER A 9 17.19 -9.39 -12.64
N LEU A 10 17.79 -9.09 -11.47
CA LEU A 10 17.02 -8.88 -10.26
C LEU A 10 15.95 -7.81 -10.45
N ALA A 11 16.30 -6.70 -11.09
CA ALA A 11 15.33 -5.63 -11.33
C ALA A 11 14.21 -6.08 -12.25
N LYS A 12 14.55 -6.78 -13.33
CA LYS A 12 13.54 -7.28 -14.25
C LYS A 12 12.61 -8.25 -13.55
N ARG A 13 13.16 -9.14 -12.70
CA ARG A 13 12.34 -10.14 -12.06
C ARG A 13 11.37 -9.50 -11.07
N ILE A 14 11.83 -8.48 -10.34
CA ILE A 14 10.95 -7.78 -9.41
C ILE A 14 9.85 -7.02 -10.16
N TYR A 15 10.19 -6.36 -11.27
CA TYR A 15 9.22 -5.61 -12.06
C TYR A 15 8.17 -6.55 -12.66
N GLU A 16 8.61 -7.70 -13.19
CA GLU A 16 7.64 -8.65 -13.73
C GLU A 16 6.73 -9.19 -12.63
N ALA A 17 7.27 -9.42 -11.43
CA ALA A 17 6.44 -9.89 -10.32
C ALA A 17 5.39 -8.86 -9.92
N TYR A 18 5.77 -7.59 -9.97
CA TYR A 18 4.82 -6.50 -9.69
C TYR A 18 3.72 -6.46 -10.74
N LEU A 19 4.10 -6.53 -12.02
CA LEU A 19 3.08 -6.46 -13.06
C LEU A 19 2.15 -7.66 -13.01
N LYS A 20 2.67 -8.81 -12.59
CA LYS A 20 1.86 -10.03 -12.51
C LYS A 20 0.86 -10.00 -11.35
N ASN A 21 1.25 -9.43 -10.19
CA ASN A 21 0.49 -9.69 -8.98
C ASN A 21 -0.43 -8.57 -8.54
N PHE A 22 -0.25 -7.34 -9.03
CA PHE A 22 -1.10 -6.24 -8.62
C PHE A 22 -2.14 -5.94 -9.70
N ASN A 23 -3.41 -5.87 -9.30
CA ASN A 23 -4.46 -5.66 -10.30
C ASN A 23 -4.42 -4.26 -10.88
N MET A 24 -3.92 -3.31 -10.10
CA MET A 24 -3.83 -1.91 -10.46
C MET A 24 -2.37 -1.49 -10.41
N ASN A 25 -1.99 -0.73 -11.41
CA ASN A 25 -0.66 -0.14 -11.44
C ASN A 25 -0.80 1.26 -12.01
N LYS A 26 0.32 1.94 -12.15
CA LYS A 26 0.24 3.37 -12.42
C LYS A 26 -0.17 3.65 -13.86
N VAL A 27 0.36 2.87 -14.81
CA VAL A 27 -0.04 3.03 -16.20
C VAL A 27 -1.55 2.81 -16.36
N LYS A 28 -2.07 1.68 -15.83
CA LYS A 28 -3.51 1.38 -15.88
C LYS A 28 -4.31 2.49 -15.23
N ALA A 29 -3.84 2.97 -14.08
CA ALA A 29 -4.62 3.98 -13.36
C ALA A 29 -4.68 5.29 -14.13
N ARG A 30 -3.56 5.68 -14.74
CA ARG A 30 -3.53 6.90 -15.53
C ARG A 30 -4.45 6.82 -16.76
N VAL A 31 -4.49 5.67 -17.42
CA VAL A 31 -5.38 5.48 -18.56
C VAL A 31 -6.84 5.66 -18.14
N ILE A 32 -7.19 5.14 -16.96
CA ILE A 32 -8.55 5.30 -16.46
C ILE A 32 -8.82 6.75 -16.06
N LEU A 33 -7.90 7.35 -15.32
CA LEU A 33 -8.04 8.71 -14.84
C LEU A 33 -7.88 9.73 -15.97
N SER A 34 -8.25 9.37 -17.19
CA SER A 34 -8.24 10.30 -18.31
C SER A 34 -9.34 9.91 -19.30
N GLY A 35 -9.18 10.31 -20.56
CA GLY A 35 -10.16 10.02 -21.59
C GLY A 35 -10.32 8.53 -21.89
N PRO A 41 -15.28 5.02 -18.07
CA PRO A 41 -15.50 6.14 -17.15
C PRO A 41 -15.94 5.73 -15.74
N PRO A 42 -15.05 5.86 -14.76
CA PRO A 42 -15.40 5.43 -13.40
C PRO A 42 -16.57 6.23 -12.86
N PHE A 43 -17.38 5.56 -12.05
CA PHE A 43 -18.51 6.23 -11.43
C PHE A 43 -18.03 7.10 -10.27
N VAL A 44 -18.40 8.37 -10.28
CA VAL A 44 -17.85 9.35 -9.35
C VAL A 44 -18.72 9.41 -8.10
N ILE A 45 -18.10 9.21 -6.94
CA ILE A 45 -18.73 9.29 -5.63
C ILE A 45 -18.31 10.62 -5.02
N HIS A 46 -19.23 11.58 -4.96
CA HIS A 46 -18.90 12.91 -4.49
C HIS A 46 -19.89 13.41 -3.46
N ASP A 47 -20.94 12.64 -3.18
CA ASP A 47 -21.92 13.02 -2.16
C ASP A 47 -22.68 11.78 -1.73
N MET A 48 -23.61 11.98 -0.79
CA MET A 48 -24.33 10.83 -0.28
C MET A 48 -25.16 10.15 -1.36
N GLU A 49 -25.80 10.94 -2.25
CA GLU A 49 -26.61 10.33 -3.30
C GLU A 49 -25.77 9.38 -4.14
N THR A 50 -24.61 9.83 -4.60
CA THR A 50 -23.81 8.98 -5.47
C THR A 50 -23.14 7.86 -4.68
N LEU A 51 -22.81 8.09 -3.41
CA LEU A 51 -22.34 6.96 -2.61
C LEU A 51 -23.38 5.84 -2.59
N CYS A 52 -24.66 6.18 -2.34
CA CYS A 52 -25.68 5.14 -2.30
C CYS A 52 -25.85 4.50 -3.67
N MET A 53 -25.72 5.28 -4.73
CA MET A 53 -25.84 4.73 -6.09
C MET A 53 -24.71 3.75 -6.37
N ALA A 54 -23.48 4.17 -6.05
CA ALA A 54 -22.32 3.29 -6.28
C ALA A 54 -22.45 2.00 -5.50
N GLU A 55 -22.93 2.07 -4.25
CA GLU A 55 -23.11 0.86 -3.47
C GLU A 55 -24.07 -0.12 -4.14
N LYS A 56 -25.19 0.39 -4.68
CA LYS A 56 -26.16 -0.49 -5.34
C LYS A 56 -25.58 -1.13 -6.60
N THR A 57 -24.72 -0.43 -7.32
CA THR A 57 -24.11 -1.01 -8.53
C THR A 57 -22.87 -1.82 -8.22
N LEU A 58 -21.99 -1.33 -7.34
CA LEU A 58 -20.69 -1.96 -7.20
C LEU A 58 -20.53 -2.87 -5.97
N VAL A 59 -21.28 -2.65 -4.89
CA VAL A 59 -21.21 -3.58 -3.75
C VAL A 59 -22.63 -3.90 -3.29
N ALA A 60 -23.40 -4.54 -4.18
CA ALA A 60 -24.84 -4.65 -4.03
C ALA A 60 -25.28 -5.33 -2.73
N LYS A 61 -24.41 -6.12 -2.09
CA LYS A 61 -24.83 -6.91 -0.93
C LYS A 61 -25.21 -6.02 0.24
N LYS A 70 -26.89 0.87 8.58
CA LYS A 70 -25.52 1.22 8.96
C LYS A 70 -25.16 2.62 8.43
N GLU A 71 -24.42 3.38 9.23
CA GLU A 71 -24.03 4.74 8.87
C GLU A 71 -23.19 4.71 7.60
N ALA A 72 -23.28 5.80 6.82
CA ALA A 72 -22.51 5.87 5.58
C ALA A 72 -21.02 5.70 5.84
N GLU A 73 -20.51 6.35 6.88
CA GLU A 73 -19.10 6.26 7.21
C GLU A 73 -18.69 4.83 7.57
N VAL A 74 -19.57 4.10 8.22
CA VAL A 74 -19.25 2.73 8.59
C VAL A 74 -19.32 1.80 7.37
N ARG A 75 -20.25 2.04 6.46
CA ARG A 75 -20.27 1.25 5.22
C ARG A 75 -19.01 1.50 4.41
N ILE A 76 -18.55 2.75 4.32
CA ILE A 76 -17.30 3.05 3.61
C ILE A 76 -16.14 2.34 4.29
N PHE A 77 -16.06 2.48 5.62
CA PHE A 77 -15.07 1.76 6.42
C PHE A 77 -15.00 0.28 6.05
N HIS A 78 -16.15 -0.40 5.85
CA HIS A 78 -16.10 -1.81 5.49
C HIS A 78 -15.60 -2.03 4.06
N CYS A 79 -15.98 -1.18 3.11
CA CYS A 79 -15.41 -1.25 1.77
C CYS A 79 -13.90 -1.03 1.81
N CYS A 80 -13.45 -0.10 2.64
CA CYS A 80 -12.02 0.18 2.69
C CYS A 80 -11.25 -1.02 3.24
N GLN A 81 -11.79 -1.67 4.28
CA GLN A 81 -11.18 -2.91 4.76
C GLN A 81 -11.11 -3.98 3.67
N CYS A 82 -12.22 -4.17 2.94
CA CYS A 82 -12.23 -5.19 1.89
C CYS A 82 -11.14 -4.90 0.87
N THR A 83 -10.98 -3.62 0.49
CA THR A 83 -9.88 -3.19 -0.39
C THR A 83 -8.53 -3.65 0.17
N SER A 84 -8.27 -3.33 1.43
CA SER A 84 -6.96 -3.60 2.01
C SER A 84 -6.68 -5.10 2.11
N VAL A 85 -7.69 -5.89 2.44
CA VAL A 85 -7.50 -7.33 2.56
C VAL A 85 -7.03 -7.92 1.22
N GLU A 86 -7.67 -7.50 0.13
CA GLU A 86 -7.23 -7.96 -1.19
C GLU A 86 -5.80 -7.51 -1.50
N THR A 87 -5.46 -6.28 -1.15
CA THR A 87 -4.12 -5.77 -1.43
C THR A 87 -3.07 -6.53 -0.62
N VAL A 88 -3.38 -6.88 0.62
CA VAL A 88 -2.42 -7.63 1.42
C VAL A 88 -2.13 -8.96 0.75
N THR A 89 -3.16 -9.59 0.18
CA THR A 89 -2.98 -10.83 -0.55
C THR A 89 -2.06 -10.63 -1.75
N GLU A 90 -2.28 -9.55 -2.50
CA GLU A 90 -1.43 -9.29 -3.67
C GLU A 90 0.02 -9.05 -3.23
N LEU A 91 0.21 -8.30 -2.13
CA LEU A 91 1.56 -8.00 -1.66
C LEU A 91 2.27 -9.26 -1.19
N THR A 92 1.53 -10.18 -0.57
CA THR A 92 2.13 -11.43 -0.12
C THR A 92 2.61 -12.25 -1.30
N GLU A 93 1.80 -12.33 -2.37
CA GLU A 93 2.25 -13.03 -3.57
C GLU A 93 3.43 -12.32 -4.21
N PHE A 94 3.39 -11.00 -4.27
CA PHE A 94 4.54 -10.25 -4.76
C PHE A 94 5.79 -10.58 -3.95
N ALA A 95 5.67 -10.54 -2.62
CA ALA A 95 6.84 -10.80 -1.78
C ALA A 95 7.43 -12.17 -2.06
N LYS A 96 6.57 -13.18 -2.20
CA LYS A 96 7.06 -14.54 -2.44
C LYS A 96 7.81 -14.65 -3.75
N ALA A 97 7.60 -13.70 -4.67
CA ALA A 97 8.31 -13.71 -5.92
C ALA A 97 9.56 -12.83 -5.90
N ILE A 98 9.82 -12.11 -4.82
CA ILE A 98 11.06 -11.33 -4.71
C ILE A 98 12.20 -12.33 -4.57
N PRO A 99 13.16 -12.35 -5.48
CA PRO A 99 14.29 -13.29 -5.34
C PRO A 99 14.89 -13.32 -3.94
N GLY A 100 14.94 -14.49 -3.32
CA GLY A 100 15.50 -14.67 -1.99
C GLY A 100 14.48 -14.65 -0.85
N PHE A 101 13.31 -14.05 -1.06
CA PHE A 101 12.38 -13.89 0.06
C PHE A 101 11.93 -15.25 0.59
N ALA A 102 11.64 -16.18 -0.31
CA ALA A 102 11.11 -17.48 0.11
C ALA A 102 12.17 -18.36 0.76
N ASN A 103 13.44 -17.96 0.69
CA ASN A 103 14.49 -18.66 1.42
C ASN A 103 14.63 -18.18 2.86
N LEU A 104 13.86 -17.17 3.28
CA LEU A 104 13.90 -16.71 4.65
C LEU A 104 13.09 -17.64 5.55
N ASP A 105 13.47 -17.65 6.83
CA ASP A 105 12.66 -18.23 7.88
C ASP A 105 11.21 -17.81 7.70
N LEU A 106 10.29 -18.77 7.79
CA LEU A 106 8.88 -18.45 7.60
C LEU A 106 8.41 -17.40 8.59
N ASN A 107 8.90 -17.45 9.83
CA ASN A 107 8.45 -16.46 10.80
C ASN A 107 8.98 -15.06 10.48
N ASP A 108 10.16 -14.98 9.84
CA ASP A 108 10.68 -13.70 9.41
C ASP A 108 9.89 -13.18 8.22
N GLN A 109 9.49 -14.07 7.31
CA GLN A 109 8.61 -13.64 6.22
C GLN A 109 7.35 -12.98 6.78
N VAL A 110 6.75 -13.58 7.82
CA VAL A 110 5.56 -13.01 8.43
C VAL A 110 5.86 -11.63 9.01
N THR A 111 6.96 -11.52 9.75
CA THR A 111 7.38 -10.25 10.33
C THR A 111 7.57 -9.17 9.26
N LEU A 112 8.28 -9.50 8.18
CA LEU A 112 8.47 -8.52 7.10
C LEU A 112 7.13 -8.07 6.50
N LEU A 113 6.22 -9.01 6.24
CA LEU A 113 4.94 -8.59 5.69
C LEU A 113 4.15 -7.78 6.71
N LYS A 114 4.16 -8.21 7.99
CA LYS A 114 3.37 -7.53 9.00
C LYS A 114 3.70 -6.04 9.07
N TYR A 115 5.00 -5.72 9.12
CA TYR A 115 5.44 -4.34 9.24
C TYR A 115 5.55 -3.63 7.91
N GLY A 116 5.63 -4.37 6.81
CA GLY A 116 5.83 -3.75 5.51
C GLY A 116 4.57 -3.45 4.74
N VAL A 117 3.49 -4.23 4.92
CA VAL A 117 2.37 -4.12 3.97
C VAL A 117 1.78 -2.71 3.94
N TYR A 118 1.58 -2.06 5.09
CA TYR A 118 0.88 -0.79 5.01
C TYR A 118 1.76 0.33 4.49
N GLU A 119 3.07 0.26 4.72
CA GLU A 119 3.98 1.20 4.06
C GLU A 119 3.89 1.05 2.54
N ALA A 120 3.85 -0.20 2.08
CA ALA A 120 3.67 -0.47 0.67
C ALA A 120 2.30 -0.02 0.16
N ILE A 121 1.24 -0.30 0.93
CA ILE A 121 -0.11 0.08 0.53
C ILE A 121 -0.18 1.60 0.32
N PHE A 122 0.32 2.38 1.27
CA PHE A 122 0.18 3.83 1.11
C PHE A 122 1.09 4.36 0.01
N ALA A 123 2.26 3.74 -0.22
CA ALA A 123 3.06 4.15 -1.39
C ALA A 123 2.32 3.89 -2.69
N MET A 124 1.72 2.69 -2.83
CA MET A 124 1.01 2.33 -4.05
C MET A 124 -0.34 3.03 -4.22
N LEU A 125 -0.98 3.43 -3.11
CA LEU A 125 -2.17 4.26 -3.22
C LEU A 125 -1.92 5.52 -4.03
N SER A 126 -0.69 6.06 -3.97
CA SER A 126 -0.39 7.28 -4.70
C SER A 126 -0.64 7.10 -6.19
N SER A 127 -0.42 5.89 -6.71
CA SER A 127 -0.63 5.64 -8.14
C SER A 127 -2.09 5.81 -8.56
N VAL A 128 -3.05 5.71 -7.64
CA VAL A 128 -4.47 5.83 -7.99
C VAL A 128 -5.08 7.12 -7.45
N MET A 129 -4.25 8.02 -6.93
CA MET A 129 -4.70 9.28 -6.34
C MET A 129 -4.30 10.44 -7.25
N ASN A 130 -5.21 11.41 -7.39
CA ASN A 130 -4.81 12.72 -7.87
C ASN A 130 -5.31 13.77 -6.88
N LYS A 131 -5.13 15.05 -7.21
CA LYS A 131 -5.50 16.13 -6.29
C LYS A 131 -6.98 16.13 -5.95
N ASP A 132 -7.81 15.49 -6.77
CA ASP A 132 -9.25 15.54 -6.56
C ASP A 132 -9.85 14.29 -5.94
N GLY A 133 -9.13 13.18 -5.87
CA GLY A 133 -9.76 11.97 -5.36
C GLY A 133 -8.94 10.75 -5.71
N MET A 134 -9.58 9.59 -5.54
CA MET A 134 -8.88 8.32 -5.73
C MET A 134 -9.77 7.27 -6.39
N LEU A 135 -9.12 6.47 -7.26
CA LEU A 135 -9.76 5.32 -7.89
C LEU A 135 -10.03 4.25 -6.86
N VAL A 136 -11.22 3.65 -6.93
CA VAL A 136 -11.61 2.60 -5.99
C VAL A 136 -12.30 1.47 -6.76
N ALA A 137 -12.50 0.34 -6.08
CA ALA A 137 -13.32 -0.77 -6.59
C ALA A 137 -12.83 -1.24 -7.97
N TYR A 138 -11.55 -1.64 -7.99
CA TYR A 138 -10.93 -2.26 -9.17
C TYR A 138 -11.06 -1.34 -10.38
N GLY A 139 -10.88 -0.05 -10.14
CA GLY A 139 -10.92 0.96 -11.18
C GLY A 139 -12.29 1.41 -11.64
N ASN A 140 -13.37 0.95 -10.99
CA ASN A 140 -14.71 1.26 -11.47
C ASN A 140 -15.36 2.43 -10.76
N GLY A 141 -14.73 2.96 -9.71
CA GLY A 141 -15.27 4.07 -8.97
C GLY A 141 -14.18 5.09 -8.72
N PHE A 142 -14.61 6.33 -8.45
CA PHE A 142 -13.68 7.39 -8.12
C PHE A 142 -14.32 8.16 -6.98
N ILE A 143 -13.69 8.17 -5.82
CA ILE A 143 -14.28 8.86 -4.66
C ILE A 143 -13.49 10.15 -4.41
N THR A 144 -14.22 11.26 -4.22
CA THR A 144 -13.53 12.54 -4.17
C THR A 144 -12.95 12.83 -2.81
N ARG A 145 -11.83 13.57 -2.86
CA ARG A 145 -11.15 14.00 -1.67
C ARG A 145 -12.04 14.89 -0.82
N GLU A 146 -12.84 15.74 -1.47
CA GLU A 146 -13.73 16.62 -0.71
C GLU A 146 -14.85 15.84 -0.05
N PHE A 147 -15.39 14.81 -0.72
CA PHE A 147 -16.41 14.00 -0.07
C PHE A 147 -15.85 13.32 1.18
N LEU A 148 -14.63 12.80 1.10
CA LEU A 148 -14.03 12.13 2.25
C LEU A 148 -13.85 13.10 3.42
N LYS A 149 -13.41 14.32 3.13
CA LYS A 149 -13.30 15.34 4.18
C LYS A 149 -14.65 15.71 4.78
N SER A 150 -15.74 15.47 4.05
CA SER A 150 -17.08 15.86 4.50
C SER A 150 -17.68 14.91 5.53
N LEU A 151 -17.09 13.74 5.71
CA LEU A 151 -17.62 12.72 6.59
C LEU A 151 -17.47 13.17 8.04
N ARG A 152 -18.24 12.53 8.91
CA ARG A 152 -18.10 12.83 10.33
C ARG A 152 -16.77 12.31 10.88
N LYS A 153 -16.27 13.03 11.87
CA LYS A 153 -15.12 12.57 12.63
C LYS A 153 -15.45 11.22 13.27
N PRO A 154 -14.48 10.30 13.35
CA PRO A 154 -13.08 10.51 12.94
C PRO A 154 -12.80 10.06 11.51
N PHE A 155 -13.82 9.66 10.77
CA PHE A 155 -13.58 9.06 9.46
C PHE A 155 -13.03 10.05 8.46
N CYS A 156 -13.37 11.34 8.60
CA CYS A 156 -12.84 12.35 7.69
C CYS A 156 -11.35 12.61 7.91
N ASP A 157 -10.79 12.13 9.02
CA ASP A 157 -9.38 12.36 9.32
C ASP A 157 -8.45 11.26 8.81
N ILE A 158 -8.99 10.23 8.14
CA ILE A 158 -8.16 9.09 7.77
C ILE A 158 -7.36 9.35 6.50
N MET A 159 -8.01 9.83 5.43
CA MET A 159 -7.35 9.82 4.13
C MET A 159 -6.52 11.07 3.85
N GLU A 160 -6.82 12.20 4.47
CA GLU A 160 -6.12 13.44 4.12
C GLU A 160 -4.61 13.34 4.21
N PRO A 161 -4.00 12.76 5.25
CA PRO A 161 -2.53 12.61 5.28
C PRO A 161 -2.00 11.74 4.15
N LYS A 162 -2.82 10.80 3.70
CA LYS A 162 -2.42 9.92 2.60
C LYS A 162 -2.47 10.68 1.28
N PHE A 163 -3.47 11.53 1.07
CA PHE A 163 -3.46 12.40 -0.11
C PHE A 163 -2.24 13.34 -0.08
N ASP A 164 -1.94 13.91 1.09
CA ASP A 164 -0.80 14.82 1.21
C ASP A 164 0.49 14.09 0.86
N PHE A 165 0.68 12.87 1.38
CA PHE A 165 1.85 12.09 1.01
C PHE A 165 1.87 11.84 -0.49
N ALA A 166 0.75 11.40 -1.04
CA ALA A 166 0.67 11.04 -2.47
C ALA A 166 0.99 12.22 -3.37
N MET A 167 0.57 13.44 -3.00
CA MET A 167 0.79 14.53 -3.97
C MET A 167 2.27 14.84 -4.11
N LYS A 168 3.01 14.80 -3.01
CA LYS A 168 4.46 14.94 -3.08
C LYS A 168 5.13 13.71 -3.71
N PHE A 169 4.63 12.51 -3.41
CA PHE A 169 5.23 11.31 -4.00
C PHE A 169 5.07 11.30 -5.51
N ASN A 170 3.87 11.67 -5.99
CA ASN A 170 3.60 11.67 -7.42
C ASN A 170 4.39 12.74 -8.12
N ALA A 171 4.83 13.76 -7.40
CA ALA A 171 5.65 14.80 -8.03
C ALA A 171 7.05 14.31 -8.38
N LEU A 172 7.49 13.18 -7.82
CA LEU A 172 8.75 12.53 -8.22
C LEU A 172 8.66 11.89 -9.60
N GLU A 173 7.44 11.69 -10.10
CA GLU A 173 7.19 11.12 -11.42
C GLU A 173 7.85 9.75 -11.60
N LEU A 174 7.71 8.91 -10.58
CA LEU A 174 8.15 7.53 -10.75
C LEU A 174 7.23 6.79 -11.72
N ASP A 175 7.79 5.75 -12.32
CA ASP A 175 6.98 4.82 -13.09
C ASP A 175 6.92 3.47 -12.38
N ASP A 176 6.14 2.54 -12.96
CA ASP A 176 5.95 1.24 -12.31
C ASP A 176 7.28 0.50 -12.09
N SER A 177 8.26 0.65 -13.01
CA SER A 177 9.53 -0.03 -12.81
C SER A 177 10.23 0.50 -11.56
N ASP A 178 10.16 1.81 -11.30
CA ASP A 178 10.69 2.37 -10.06
C ASP A 178 9.92 1.89 -8.84
N ILE A 179 8.59 1.90 -8.95
CA ILE A 179 7.76 1.63 -7.78
C ILE A 179 7.93 0.18 -7.34
N SER A 180 8.07 -0.74 -8.33
CA SER A 180 8.24 -2.15 -7.98
C SER A 180 9.49 -2.36 -7.13
N LEU A 181 10.58 -1.65 -7.44
CA LEU A 181 11.81 -1.82 -6.67
C LEU A 181 11.68 -1.14 -5.31
N PHE A 182 10.98 0.01 -5.28
CA PHE A 182 10.76 0.73 -4.03
C PHE A 182 9.94 -0.12 -3.06
N VAL A 183 8.90 -0.77 -3.55
CA VAL A 183 8.07 -1.64 -2.70
C VAL A 183 8.86 -2.87 -2.24
N ALA A 184 9.65 -3.47 -3.12
CA ALA A 184 10.52 -4.56 -2.68
C ALA A 184 11.46 -4.12 -1.55
N ALA A 185 12.00 -2.90 -1.64
CA ALA A 185 12.88 -2.36 -0.61
C ALA A 185 12.14 -2.14 0.71
N ILE A 186 10.90 -1.67 0.65
CA ILE A 186 10.08 -1.52 1.85
C ILE A 186 9.90 -2.86 2.54
N ILE A 187 9.57 -3.90 1.76
CA ILE A 187 9.31 -5.22 2.34
C ILE A 187 10.59 -5.82 2.95
N CYS A 188 11.71 -5.71 2.26
CA CYS A 188 12.95 -6.38 2.68
C CYS A 188 13.77 -5.45 3.55
N CYS A 189 13.34 -5.31 4.80
CA CYS A 189 13.86 -4.30 5.71
C CYS A 189 14.33 -4.99 6.98
N GLY A 190 15.62 -4.91 7.26
CA GLY A 190 16.19 -5.61 8.41
C GLY A 190 15.91 -4.98 9.75
N ASP A 191 15.27 -3.82 9.75
CA ASP A 191 14.96 -3.00 10.91
C ASP A 191 13.76 -3.49 11.70
N ARG A 192 12.99 -4.43 11.18
CA ARG A 192 11.70 -4.73 11.77
C ARG A 192 11.87 -5.39 13.13
N PRO A 193 10.98 -5.11 14.08
CA PRO A 193 11.06 -5.74 15.40
C PRO A 193 10.79 -7.24 15.33
N GLY A 194 11.57 -8.01 16.09
CA GLY A 194 11.31 -9.43 16.21
C GLY A 194 11.93 -10.31 15.16
N LEU A 195 12.74 -9.77 14.26
CA LEU A 195 13.36 -10.61 13.25
C LEU A 195 14.33 -11.58 13.90
N LEU A 196 14.29 -12.83 13.43
CA LEU A 196 15.22 -13.85 13.90
C LEU A 196 16.55 -13.80 13.17
N ASN A 197 16.53 -13.60 11.85
CA ASN A 197 17.74 -13.67 11.04
C ASN A 197 18.10 -12.31 10.45
N VAL A 198 18.39 -11.35 11.34
CA VAL A 198 18.59 -9.96 10.93
C VAL A 198 19.69 -9.86 9.87
N GLY A 199 20.79 -10.56 10.06
CA GLY A 199 21.92 -10.41 9.15
C GLY A 199 21.61 -10.82 7.72
N HIS A 200 20.86 -11.91 7.55
CA HIS A 200 20.56 -12.39 6.21
C HIS A 200 19.60 -11.43 5.50
N ILE A 201 18.65 -10.87 6.25
CA ILE A 201 17.68 -9.92 5.68
C ILE A 201 18.39 -8.62 5.31
N GLU A 202 19.33 -8.16 6.15
CA GLU A 202 20.13 -6.98 5.83
C GLU A 202 20.86 -7.16 4.50
N LYS A 203 21.47 -8.32 4.28
CA LYS A 203 22.16 -8.58 3.01
C LYS A 203 21.19 -8.61 1.84
N MET A 204 20.01 -9.19 2.03
CA MET A 204 18.98 -9.12 1.00
C MET A 204 18.63 -7.68 0.68
N GLN A 205 18.37 -6.88 1.71
CA GLN A 205 17.99 -5.50 1.52
C GLN A 205 19.09 -4.73 0.80
N GLU A 206 20.35 -4.98 1.16
CA GLU A 206 21.46 -4.29 0.51
C GLU A 206 21.46 -4.56 -0.99
N GLY A 207 21.19 -5.80 -1.40
CA GLY A 207 21.14 -6.08 -2.82
C GLY A 207 19.98 -5.39 -3.52
N ILE A 208 18.80 -5.38 -2.89
CA ILE A 208 17.66 -4.73 -3.51
C ILE A 208 17.87 -3.22 -3.58
N VAL A 209 18.41 -2.63 -2.50
CA VAL A 209 18.63 -1.19 -2.53
C VAL A 209 19.70 -0.82 -3.55
N HIS A 210 20.68 -1.71 -3.78
CA HIS A 210 21.70 -1.45 -4.76
C HIS A 210 21.10 -1.45 -6.16
N VAL A 211 20.19 -2.39 -6.43
CA VAL A 211 19.52 -2.45 -7.74
C VAL A 211 18.58 -1.24 -7.91
N LEU A 212 17.93 -0.81 -6.83
CA LEU A 212 17.12 0.40 -6.89
C LEU A 212 17.96 1.64 -7.22
N ARG A 213 19.10 1.80 -6.51
CA ARG A 213 20.03 2.92 -6.76
C ARG A 213 20.44 2.98 -8.22
N LEU A 214 20.91 1.85 -8.76
CA LEU A 214 21.33 1.79 -10.16
C LEU A 214 20.17 2.09 -11.10
N HIS A 215 19.00 1.53 -10.81
CA HIS A 215 17.85 1.76 -11.67
C HIS A 215 17.45 3.23 -11.74
N LEU A 216 17.42 3.92 -10.59
CA LEU A 216 17.05 5.33 -10.59
C LEU A 216 18.06 6.19 -11.36
N GLN A 217 19.34 5.81 -11.28
CA GLN A 217 20.35 6.57 -12.01
C GLN A 217 20.14 6.40 -13.51
N SER A 218 19.74 5.20 -13.93
CA SER A 218 19.48 4.92 -15.34
C SER A 218 18.19 5.57 -15.80
N ASN A 219 17.13 5.42 -15.00
CA ASN A 219 15.79 5.79 -15.43
C ASN A 219 15.45 7.25 -15.16
N HIS A 220 16.18 7.89 -14.24
CA HIS A 220 15.97 9.29 -13.85
C HIS A 220 17.30 10.04 -13.82
N PRO A 221 17.97 10.17 -14.98
CA PRO A 221 19.26 10.85 -15.00
C PRO A 221 19.14 12.34 -14.71
N ASP A 222 17.94 12.90 -14.79
CA ASP A 222 17.67 14.30 -14.53
C ASP A 222 17.63 14.66 -13.04
N ASP A 223 17.46 13.69 -12.15
CA ASP A 223 17.22 13.94 -10.71
C ASP A 223 18.29 13.22 -9.90
N ILE A 224 19.41 13.90 -9.62
CA ILE A 224 20.53 13.15 -9.03
C ILE A 224 20.34 12.87 -7.54
N PHE A 225 19.30 13.43 -6.92
CA PHE A 225 19.01 13.14 -5.53
C PHE A 225 17.80 12.24 -5.38
N LEU A 226 17.35 11.60 -6.46
CA LEU A 226 16.10 10.85 -6.32
C LEU A 226 16.26 9.69 -5.31
N PHE A 227 17.42 9.02 -5.27
CA PHE A 227 17.58 7.92 -4.32
C PHE A 227 17.49 8.40 -2.87
N PRO A 228 18.22 9.44 -2.45
CA PRO A 228 18.00 9.90 -1.05
C PRO A 228 16.59 10.45 -0.81
N LYS A 229 15.91 11.02 -1.82
CA LYS A 229 14.52 11.43 -1.64
C LYS A 229 13.65 10.23 -1.32
N LEU A 230 13.89 9.11 -2.03
CA LEU A 230 13.08 7.92 -1.77
C LEU A 230 13.42 7.29 -0.43
N LEU A 231 14.69 7.33 0.02
CA LEU A 231 14.99 6.89 1.39
C LEU A 231 14.18 7.70 2.39
N GLN A 232 14.07 9.01 2.16
CA GLN A 232 13.28 9.82 3.08
C GLN A 232 11.79 9.47 3.00
N LYS A 233 11.28 9.18 1.80
CA LYS A 233 9.88 8.76 1.70
C LYS A 233 9.63 7.47 2.47
N MET A 234 10.62 6.57 2.52
CA MET A 234 10.43 5.35 3.29
C MET A 234 10.25 5.68 4.77
N ALA A 235 11.07 6.61 5.27
CA ALA A 235 10.92 7.05 6.67
C ALA A 235 9.59 7.76 6.89
N ASP A 236 9.16 8.59 5.94
CA ASP A 236 7.87 9.24 6.04
C ASP A 236 6.74 8.22 6.09
N LEU A 237 6.83 7.16 5.28
CA LEU A 237 5.81 6.14 5.26
C LEU A 237 5.71 5.41 6.59
N ARG A 238 6.88 5.17 7.23
CA ARG A 238 6.86 4.54 8.57
C ARG A 238 6.09 5.40 9.56
N GLN A 239 6.32 6.73 9.54
CA GLN A 239 5.57 7.60 10.44
C GLN A 239 4.10 7.70 10.06
N LEU A 240 3.80 7.66 8.77
CA LEU A 240 2.41 7.68 8.33
C LEU A 240 1.65 6.47 8.86
N VAL A 241 2.29 5.30 8.83
CA VAL A 241 1.64 4.07 9.25
C VAL A 241 1.45 4.08 10.75
N THR A 242 2.44 4.59 11.50
CA THR A 242 2.33 4.67 12.96
C THR A 242 1.12 5.50 13.36
N GLU A 243 0.99 6.67 12.74
CA GLU A 243 -0.15 7.54 12.97
C GLU A 243 -1.47 6.90 12.52
N HIS A 244 -1.46 6.23 11.37
CA HIS A 244 -2.65 5.52 10.90
C HIS A 244 -3.10 4.47 11.93
N ALA A 245 -2.15 3.72 12.49
CA ALA A 245 -2.50 2.67 13.45
C ALA A 245 -3.15 3.26 14.68
N GLN A 246 -2.76 4.48 15.06
CA GLN A 246 -3.41 5.14 16.21
C GLN A 246 -4.88 5.45 15.91
N LEU A 247 -5.19 5.83 14.66
CA LEU A 247 -6.58 6.03 14.25
C LEU A 247 -7.35 4.71 14.24
N VAL A 248 -6.71 3.64 13.79
CA VAL A 248 -7.34 2.33 13.83
C VAL A 248 -7.80 2.02 15.26
N GLN A 249 -6.93 2.30 16.23
CA GLN A 249 -7.26 1.99 17.62
C GLN A 249 -8.38 2.89 18.14
N ILE A 250 -8.38 4.17 17.73
CA ILE A 250 -9.46 5.09 18.09
C ILE A 250 -10.80 4.56 17.58
N ILE A 251 -10.82 4.06 16.36
CA ILE A 251 -12.06 3.57 15.80
C ILE A 251 -12.49 2.27 16.48
N LYS A 252 -11.54 1.36 16.73
CA LYS A 252 -11.91 0.04 17.23
C LYS A 252 -12.50 0.13 18.63
N LYS A 253 -12.10 1.12 19.42
CA LYS A 253 -12.56 1.21 20.79
C LYS A 253 -13.62 2.28 21.03
N THR A 254 -13.91 3.15 20.06
CA THR A 254 -14.94 4.17 20.23
C THR A 254 -16.11 4.07 19.26
N GLU A 255 -16.04 3.20 18.25
CA GLU A 255 -17.10 3.10 17.27
C GLU A 255 -17.91 1.83 17.52
N SER A 256 -19.23 1.98 17.55
CA SER A 256 -20.10 0.86 17.91
C SER A 256 -20.06 -0.25 16.85
N ASP A 257 -19.96 0.11 15.58
CA ASP A 257 -20.32 -0.77 14.48
C ASP A 257 -19.16 -1.02 13.51
N ALA A 258 -17.94 -0.67 13.88
CA ALA A 258 -16.80 -0.79 12.97
C ALA A 258 -15.90 -1.93 13.47
N ALA A 259 -16.31 -3.16 13.16
CA ALA A 259 -15.52 -4.33 13.48
C ALA A 259 -14.36 -4.49 12.50
N LEU A 260 -13.20 -4.88 13.02
CA LEU A 260 -12.02 -5.11 12.21
C LEU A 260 -12.04 -6.50 11.57
N HIS A 261 -11.70 -6.54 10.29
CA HIS A 261 -11.44 -7.81 9.65
C HIS A 261 -10.30 -8.53 10.37
N PRO A 262 -10.41 -9.83 10.58
CA PRO A 262 -9.40 -10.53 11.39
C PRO A 262 -7.99 -10.49 10.82
N LEU A 263 -7.82 -10.49 9.50
CA LEU A 263 -6.45 -10.37 8.97
C LEU A 263 -5.87 -8.99 9.30
N LEU A 264 -6.66 -7.94 9.15
CA LEU A 264 -6.12 -6.62 9.46
C LEU A 264 -5.91 -6.46 10.96
N GLN A 265 -6.78 -7.07 11.77
CA GLN A 265 -6.53 -7.10 13.21
C GLN A 265 -5.19 -7.77 13.54
N GLU A 266 -4.90 -8.90 12.89
CA GLU A 266 -3.62 -9.56 13.10
C GLU A 266 -2.45 -8.66 12.72
N ILE A 267 -2.57 -7.93 11.61
CA ILE A 267 -1.47 -7.08 11.17
C ILE A 267 -1.22 -5.94 12.16
N TYR A 268 -2.29 -5.30 12.64
CA TYR A 268 -2.14 -4.16 13.53
C TYR A 268 -1.79 -4.57 14.96
N ARG A 269 -2.12 -5.79 15.37
CA ARG A 269 -1.82 -6.27 16.73
C ARG A 269 -0.32 -6.24 17.02
N ASP A 270 0.07 -5.46 18.04
CA ASP A 270 1.47 -5.37 18.47
C ASP A 270 2.37 -4.78 17.40
N MET A 271 1.78 -4.00 16.49
CA MET A 271 2.56 -3.26 15.51
C MET A 271 3.44 -2.23 16.18
N TYR A 272 2.81 -1.14 16.61
CA TYR A 272 3.51 0.02 17.13
C TYR A 272 2.86 0.43 18.45
N PRO B 7 -1.76 -21.23 13.60
CA PRO B 7 -0.99 -20.40 12.68
C PRO B 7 -1.83 -19.23 12.27
N SER B 8 -1.19 -18.09 12.14
CA SER B 8 -1.88 -16.89 11.78
C SER B 8 -2.37 -16.83 10.37
N LEU B 9 -3.26 -15.89 10.16
CA LEU B 9 -3.82 -15.64 8.87
C LEU B 9 -2.71 -15.23 7.90
N LEU B 10 -1.78 -14.41 8.37
CA LEU B 10 -0.66 -14.04 7.51
C LEU B 10 0.18 -15.26 7.14
N LYS B 11 0.45 -16.12 8.12
CA LYS B 11 1.26 -17.30 7.84
C LYS B 11 0.55 -18.20 6.86
N LYS B 12 -0.79 -18.27 6.96
CA LYS B 12 -1.59 -19.03 6.01
C LYS B 12 -1.47 -18.46 4.60
N LEU B 13 -1.45 -17.13 4.45
CA LEU B 13 -1.23 -16.54 3.13
C LEU B 13 0.14 -16.91 2.58
N LEU B 14 1.17 -16.92 3.43
CA LEU B 14 2.51 -17.20 2.92
C LEU B 14 2.66 -18.66 2.52
N LEU B 15 1.91 -19.55 3.16
CA LEU B 15 2.04 -20.98 2.90
C LEU B 15 1.22 -21.44 1.71
N ALA B 16 0.26 -20.65 1.25
CA ALA B 16 -0.58 -21.04 0.12
C ALA B 16 0.24 -21.21 -1.16
C01 A1LZY C . -7.96 2.59 3.59
C02 A1LZY C . -7.19 1.65 4.27
C03 A1LZY C . -7.46 1.40 5.60
C04 A1LZY C . -8.51 2.13 6.19
C05 A1LZY C . -9.23 3.05 5.43
C06 A1LZY C . -9.14 2.19 7.49
C07 A1LZY C . -6.67 0.34 6.35
C08 A1LZY C . -8.81 1.43 8.77
C09 A1LZY C . -9.44 0.05 8.63
C10 A1LZY C . -9.34 2.24 9.97
C11 A1LZY C . -9.07 -0.87 9.77
C12 A1LZY C . -8.54 3.53 10.22
C13 A1LZY C . -10.96 5.62 4.99
C14 A1LZY C . -11.99 6.48 4.72
C15 A1LZY C . -13.24 6.29 5.30
C16 A1LZY C . -13.46 5.22 6.16
C17 A1LZY C . -12.43 4.37 6.44
C18 A1LZY C . -11.16 4.57 5.86
C26 A1LZY C . -8.50 3.59 1.55
C27 A1LZY C . -9.10 2.72 0.46
C28 A1LZY C . -10.49 3.12 0.02
C29 A1LZY C . -11.16 4.37 0.08
C31 A1LZY C . -12.50 2.94 -0.77
C33 A1LZY C . -13.79 2.44 -1.39
C34 A1LZY C . -14.90 3.27 -1.35
C35 A1LZY C . -16.10 2.85 -1.91
C36 A1LZY C . -16.17 1.60 -2.52
C37 A1LZY C . -15.06 0.79 -2.55
C38 A1LZY C . -13.87 1.20 -1.99
C39 A1LZY C . -10.71 5.74 0.60
F19 A1LZY C . -14.22 7.18 4.98
N20 A1LZY C . -8.94 3.28 4.12
N21 A1LZY C . -10.09 3.08 7.41
N22 A1LZY C . -10.15 3.61 6.20
N32 A1LZY C . -11.40 2.26 -0.54
O23 A1LZY C . -6.63 -0.82 5.84
O24 A1LZY C . -6.11 0.57 7.43
O25 A1LZY C . -7.61 2.80 2.24
O30 A1LZY C . -12.35 4.18 -0.40
#